data_4PT7
#
_entry.id   4PT7
#
_cell.length_a   199.900
_cell.length_b   199.900
_cell.length_c   131.500
_cell.angle_alpha   90.00
_cell.angle_beta   90.00
_cell.angle_gamma   90.00
#
_symmetry.space_group_name_H-M   'I 4 2 2'
#
loop_
_entity.id
_entity.type
_entity.pdbx_description
1 polymer 'Replication initiator A family protein'
2 non-polymer 'SULFATE ION'
3 water water
#
_entity_poly.entity_id   1
_entity_poly.type   'polypeptide(L)'
_entity_poly.pdbx_seq_one_letter_code
;MQNQYFTVQENYKERFYQIPKVFFTSENYKNLTNDMKIAYAILRDRLNLSIKNSWVDEDGNIYFVYSNEKLMEILNCKKE
KLTKIKKGLENDGLLIQKRRGLNKPNILYLMKPIVTERDIYKIEKEENDVEPYGEK
;
_entity_poly.pdbx_strand_id   A,C,D,B
#
# COMPACT_ATOMS: atom_id res chain seq x y z
N GLN A 2 -17.07 -40.02 -10.14
CA GLN A 2 -16.39 -41.29 -9.75
C GLN A 2 -15.46 -41.07 -8.55
N ASN A 3 -15.06 -42.16 -7.91
CA ASN A 3 -14.16 -42.10 -6.75
C ASN A 3 -12.73 -41.83 -7.24
N GLN A 4 -12.03 -40.92 -6.57
CA GLN A 4 -10.67 -40.61 -6.97
C GLN A 4 -9.64 -40.97 -5.90
N TYR A 5 -8.42 -41.25 -6.38
CA TYR A 5 -7.32 -41.64 -5.50
C TYR A 5 -6.71 -40.46 -4.76
N PHE A 6 -5.90 -40.76 -3.75
CA PHE A 6 -5.21 -39.75 -3.00
C PHE A 6 -3.84 -39.66 -3.67
N THR A 7 -3.53 -38.52 -4.28
CA THR A 7 -2.26 -38.36 -4.96
C THR A 7 -1.24 -37.62 -4.10
N VAL A 8 0.04 -37.94 -4.29
CA VAL A 8 1.11 -37.32 -3.52
C VAL A 8 1.24 -35.84 -3.91
N GLN A 9 0.99 -35.51 -5.18
CA GLN A 9 1.09 -34.13 -5.61
C GLN A 9 0.03 -33.26 -4.91
N GLU A 10 -1.17 -33.80 -4.73
CA GLU A 10 -2.21 -33.05 -4.05
C GLU A 10 -1.84 -32.91 -2.57
N ASN A 11 -1.22 -33.94 -2.02
CA ASN A 11 -0.81 -33.92 -0.62
C ASN A 11 0.21 -32.80 -0.37
N TYR A 12 1.22 -32.70 -1.22
CA TYR A 12 2.23 -31.66 -1.01
C TYR A 12 1.71 -30.30 -1.45
N LYS A 13 0.76 -30.31 -2.37
CA LYS A 13 0.15 -29.10 -2.86
C LYS A 13 -0.67 -28.46 -1.72
N GLU A 14 -1.17 -29.29 -0.81
CA GLU A 14 -1.96 -28.84 0.33
C GLU A 14 -1.18 -28.66 1.63
N ARG A 15 0.08 -28.26 1.51
CA ARG A 15 0.93 -27.99 2.67
C ARG A 15 1.16 -26.48 2.69
N PHE A 16 0.91 -25.84 3.83
CA PHE A 16 1.07 -24.40 3.87
C PHE A 16 1.69 -23.85 5.15
N TYR A 17 2.01 -22.56 5.09
CA TYR A 17 2.52 -21.82 6.23
C TYR A 17 1.28 -21.03 6.63
N GLN A 18 1.04 -20.94 7.93
CA GLN A 18 -0.14 -20.28 8.43
C GLN A 18 0.14 -18.96 9.11
N ILE A 19 -0.49 -17.90 8.63
CA ILE A 19 -0.32 -16.60 9.24
C ILE A 19 -1.59 -16.24 9.96
N PRO A 20 -1.49 -15.85 11.25
CA PRO A 20 -2.70 -15.48 12.00
C PRO A 20 -3.41 -14.32 11.32
N LYS A 21 -4.73 -14.43 11.19
CA LYS A 21 -5.52 -13.38 10.54
C LYS A 21 -5.43 -12.08 11.32
N VAL A 22 -5.30 -12.20 12.63
CA VAL A 22 -5.23 -11.03 13.48
C VAL A 22 -4.06 -10.11 13.07
N PHE A 23 -3.07 -10.64 12.34
CA PHE A 23 -1.94 -9.80 11.90
C PHE A 23 -2.36 -8.82 10.82
N PHE A 24 -3.56 -8.98 10.27
CA PHE A 24 -4.01 -8.08 9.20
C PHE A 24 -5.20 -7.22 9.62
N THR A 25 -5.63 -7.36 10.86
CA THR A 25 -6.76 -6.58 11.33
C THR A 25 -6.40 -5.79 12.56
N SER A 26 -5.75 -6.47 13.51
CA SER A 26 -5.35 -5.87 14.76
C SER A 26 -4.54 -4.61 14.59
N GLU A 27 -4.95 -3.57 15.32
CA GLU A 27 -4.26 -2.30 15.29
C GLU A 27 -3.07 -2.40 16.24
N ASN A 28 -2.76 -3.61 16.67
CA ASN A 28 -1.64 -3.84 17.56
C ASN A 28 -0.49 -4.51 16.83
N TYR A 29 -0.71 -4.85 15.56
CA TYR A 29 0.33 -5.50 14.76
C TYR A 29 0.62 -4.75 13.47
N LYS A 30 0.21 -3.50 13.40
CA LYS A 30 0.45 -2.70 12.20
C LYS A 30 1.92 -2.50 11.90
N ASN A 31 2.76 -2.65 12.92
CA ASN A 31 4.19 -2.50 12.70
C ASN A 31 4.85 -3.72 12.11
N LEU A 32 4.15 -4.85 12.07
CA LEU A 32 4.70 -6.05 11.47
C LEU A 32 4.76 -5.93 9.96
N THR A 33 5.93 -6.21 9.39
CA THR A 33 6.09 -6.16 7.95
C THR A 33 5.71 -7.52 7.39
N ASN A 34 5.55 -7.59 6.07
CA ASN A 34 5.23 -8.86 5.43
C ASN A 34 6.27 -9.92 5.77
N ASP A 35 7.55 -9.53 5.80
CA ASP A 35 8.61 -10.48 6.13
C ASP A 35 8.48 -11.03 7.55
N MET A 36 7.94 -10.20 8.44
CA MET A 36 7.75 -10.59 9.83
C MET A 36 6.60 -11.58 9.97
N LYS A 37 5.50 -11.31 9.25
CA LYS A 37 4.33 -12.16 9.27
C LYS A 37 4.68 -13.54 8.71
N ILE A 38 5.34 -13.54 7.55
CA ILE A 38 5.75 -14.77 6.91
C ILE A 38 6.79 -15.52 7.76
N ALA A 39 7.72 -14.80 8.37
CA ALA A 39 8.74 -15.46 9.20
C ALA A 39 8.05 -16.14 10.37
N TYR A 40 7.11 -15.44 10.98
CA TYR A 40 6.36 -15.99 12.10
C TYR A 40 5.69 -17.31 11.70
N ALA A 41 5.04 -17.34 10.54
CA ALA A 41 4.35 -18.53 10.05
C ALA A 41 5.30 -19.69 9.82
N ILE A 42 6.48 -19.39 9.29
CA ILE A 42 7.47 -20.41 9.05
C ILE A 42 7.97 -20.98 10.37
N LEU A 43 8.15 -20.12 11.36
CA LEU A 43 8.61 -20.58 12.67
C LEU A 43 7.51 -21.38 13.39
N ARG A 44 6.25 -21.00 13.17
CA ARG A 44 5.13 -21.73 13.77
C ARG A 44 5.18 -23.17 13.24
N ASP A 45 5.52 -23.32 11.96
CA ASP A 45 5.63 -24.64 11.36
C ASP A 45 6.81 -25.42 11.92
N ARG A 46 7.91 -24.73 12.23
CA ARG A 46 9.11 -25.39 12.76
C ARG A 46 8.88 -25.98 14.15
N LEU A 47 7.85 -25.52 14.84
CA LEU A 47 7.53 -26.01 16.18
C LEU A 47 7.48 -27.54 16.13
N ASN A 48 7.06 -28.07 14.99
CA ASN A 48 6.96 -29.51 14.81
C ASN A 48 8.33 -30.13 15.02
N LEU A 49 9.33 -29.59 14.33
CA LEU A 49 10.70 -30.08 14.45
C LEU A 49 11.22 -29.87 15.86
N SER A 50 10.80 -28.78 16.49
CA SER A 50 11.23 -28.53 17.87
C SER A 50 10.85 -29.71 18.74
N ILE A 51 9.59 -30.16 18.62
CA ILE A 51 9.10 -31.29 19.41
C ILE A 51 9.93 -32.53 19.15
N LYS A 52 10.18 -32.80 17.87
CA LYS A 52 10.99 -33.95 17.50
C LYS A 52 12.42 -33.82 18.06
N ASN A 53 12.89 -32.59 18.26
CA ASN A 53 14.24 -32.38 18.79
C ASN A 53 14.19 -32.37 20.31
N SER A 54 12.99 -32.59 20.85
CA SER A 54 12.78 -32.60 22.29
C SER A 54 13.02 -31.24 22.92
N TRP A 55 12.87 -30.18 22.13
CA TRP A 55 13.07 -28.83 22.66
C TRP A 55 11.83 -28.34 23.39
N VAL A 56 11.59 -28.93 24.56
CA VAL A 56 10.44 -28.59 25.39
C VAL A 56 10.94 -28.43 26.83
N ASP A 57 10.68 -27.28 27.44
CA ASP A 57 11.13 -27.04 28.80
C ASP A 57 10.27 -27.80 29.83
N GLU A 58 10.63 -27.67 31.10
CA GLU A 58 9.92 -28.36 32.18
C GLU A 58 8.43 -28.00 32.26
N ASP A 59 8.07 -26.86 31.70
CA ASP A 59 6.68 -26.42 31.73
C ASP A 59 5.89 -26.88 30.51
N GLY A 60 6.55 -27.56 29.59
CA GLY A 60 5.87 -28.01 28.38
C GLY A 60 5.92 -26.99 27.25
N ASN A 61 6.63 -25.88 27.45
CA ASN A 61 6.73 -24.84 26.42
C ASN A 61 7.76 -25.20 25.35
N ILE A 62 7.33 -25.09 24.10
CA ILE A 62 8.16 -25.41 22.94
C ILE A 62 9.04 -24.22 22.58
N TYR A 63 10.32 -24.49 22.35
CA TYR A 63 11.26 -23.43 22.03
C TYR A 63 12.22 -23.80 20.91
N PHE A 64 13.08 -22.84 20.54
CA PHE A 64 14.07 -23.06 19.50
C PHE A 64 15.47 -22.87 20.07
N VAL A 65 16.44 -23.59 19.52
CA VAL A 65 17.81 -23.42 19.94
C VAL A 65 18.69 -23.39 18.69
N TYR A 66 18.20 -22.71 17.66
CA TYR A 66 18.91 -22.59 16.40
C TYR A 66 19.90 -21.42 16.43
N SER A 67 21.02 -21.56 15.74
CA SER A 67 22.01 -20.48 15.68
C SER A 67 21.45 -19.41 14.73
N ASN A 68 21.98 -18.20 14.80
CA ASN A 68 21.51 -17.14 13.93
C ASN A 68 21.70 -17.50 12.47
N GLU A 69 22.81 -18.17 12.16
CA GLU A 69 23.05 -18.51 10.77
C GLU A 69 22.08 -19.60 10.31
N LYS A 70 21.61 -20.42 11.24
CA LYS A 70 20.67 -21.49 10.92
C LYS A 70 19.28 -20.85 10.70
N LEU A 71 18.96 -19.83 11.49
CA LEU A 71 17.68 -19.13 11.33
C LEU A 71 17.66 -18.46 9.97
N MET A 72 18.82 -17.98 9.51
CA MET A 72 18.92 -17.32 8.21
C MET A 72 18.56 -18.31 7.10
N GLU A 73 19.01 -19.54 7.26
CA GLU A 73 18.75 -20.57 6.27
C GLU A 73 17.26 -20.96 6.30
N ILE A 74 16.71 -21.11 7.50
CA ILE A 74 15.32 -21.50 7.70
C ILE A 74 14.40 -20.47 7.06
N LEU A 75 14.58 -19.21 7.45
CA LEU A 75 13.79 -18.10 6.95
C LEU A 75 14.28 -17.63 5.58
N ASN A 76 15.41 -18.15 5.13
CA ASN A 76 15.98 -17.78 3.85
C ASN A 76 16.16 -16.26 3.71
N CYS A 77 16.86 -15.66 4.66
CA CYS A 77 17.10 -14.23 4.64
C CYS A 77 18.55 -13.88 5.02
N LYS A 78 18.87 -12.60 4.88
CA LYS A 78 20.19 -12.06 5.19
C LYS A 78 20.30 -11.83 6.68
N LYS A 79 21.53 -11.66 7.17
CA LYS A 79 21.77 -11.43 8.59
C LYS A 79 21.09 -10.15 9.05
N GLU A 80 21.15 -9.10 8.23
CA GLU A 80 20.55 -7.82 8.59
C GLU A 80 19.01 -7.93 8.63
N LYS A 81 18.45 -8.69 7.69
CA LYS A 81 17.02 -8.89 7.65
C LYS A 81 16.58 -9.69 8.89
N LEU A 82 17.38 -10.69 9.26
CA LEU A 82 17.06 -11.52 10.43
C LEU A 82 16.96 -10.66 11.68
N THR A 83 17.94 -9.77 11.84
CA THR A 83 18.00 -8.88 12.99
C THR A 83 16.74 -8.02 13.05
N LYS A 84 16.27 -7.57 11.89
CA LYS A 84 15.07 -6.75 11.83
C LYS A 84 13.82 -7.56 12.17
N ILE A 85 13.72 -8.75 11.58
CA ILE A 85 12.60 -9.63 11.83
C ILE A 85 12.50 -10.01 13.31
N LYS A 86 13.63 -10.40 13.91
CA LYS A 86 13.64 -10.78 15.32
C LYS A 86 13.22 -9.64 16.23
N LYS A 87 13.68 -8.44 15.88
CA LYS A 87 13.40 -7.23 16.64
C LYS A 87 11.90 -6.88 16.53
N GLY A 88 11.37 -6.92 15.31
CA GLY A 88 9.96 -6.61 15.13
C GLY A 88 9.05 -7.60 15.84
N LEU A 89 9.36 -8.89 15.75
CA LEU A 89 8.53 -9.89 16.41
C LEU A 89 8.59 -9.73 17.92
N GLU A 90 9.78 -9.45 18.44
CA GLU A 90 9.94 -9.26 19.88
C GLU A 90 9.21 -8.03 20.41
N ASN A 91 9.20 -6.95 19.63
CA ASN A 91 8.52 -5.72 20.07
C ASN A 91 7.03 -5.94 20.26
N ASP A 92 6.45 -6.83 19.45
CA ASP A 92 5.02 -7.09 19.54
C ASP A 92 4.69 -8.31 20.40
N GLY A 93 5.67 -8.75 21.19
CA GLY A 93 5.49 -9.88 22.07
C GLY A 93 5.26 -11.22 21.40
N LEU A 94 5.68 -11.32 20.13
CA LEU A 94 5.49 -12.54 19.36
C LEU A 94 6.69 -13.48 19.46
N LEU A 95 7.78 -12.97 20.04
CA LEU A 95 9.01 -13.74 20.20
C LEU A 95 9.74 -13.33 21.50
N ILE A 96 10.24 -14.33 22.22
CA ILE A 96 10.96 -14.10 23.46
C ILE A 96 12.34 -14.69 23.32
N GLN A 97 13.36 -13.94 23.74
CA GLN A 97 14.74 -14.40 23.65
C GLN A 97 15.38 -14.47 25.03
N LYS A 98 16.22 -15.48 25.23
CA LYS A 98 16.93 -15.67 26.48
C LYS A 98 18.36 -16.12 26.14
N ARG A 99 19.34 -15.35 26.62
CA ARG A 99 20.74 -15.65 26.36
C ARG A 99 21.36 -16.67 27.30
N ARG A 100 22.47 -17.25 26.87
CA ARG A 100 23.20 -18.25 27.64
C ARG A 100 24.68 -17.90 27.59
N GLY A 101 24.98 -16.72 27.09
CA GLY A 101 26.35 -16.27 26.98
C GLY A 101 27.19 -17.11 26.04
N LEU A 102 28.44 -16.70 25.82
CA LEU A 102 29.35 -17.41 24.94
C LEU A 102 28.78 -17.58 23.54
N ASN A 103 29.28 -18.57 22.81
CA ASN A 103 28.81 -18.85 21.46
C ASN A 103 27.62 -19.81 21.48
N LYS A 104 27.15 -20.12 22.68
CA LYS A 104 26.01 -21.02 22.85
C LYS A 104 24.76 -20.35 22.29
N PRO A 105 24.13 -20.97 21.28
CA PRO A 105 22.92 -20.42 20.66
C PRO A 105 21.88 -19.95 21.67
N ASN A 106 21.22 -18.84 21.37
CA ASN A 106 20.20 -18.29 22.25
C ASN A 106 18.93 -19.13 22.21
N ILE A 107 18.12 -19.02 23.25
CA ILE A 107 16.87 -19.76 23.31
C ILE A 107 15.72 -18.89 22.84
N LEU A 108 15.08 -19.30 21.75
CA LEU A 108 13.96 -18.53 21.22
C LEU A 108 12.62 -19.16 21.54
N TYR A 109 11.68 -18.34 21.99
CA TYR A 109 10.34 -18.80 22.31
C TYR A 109 9.32 -18.07 21.42
N LEU A 110 8.73 -18.79 20.47
CA LEU A 110 7.71 -18.19 19.62
C LEU A 110 6.48 -18.05 20.49
N MET A 111 5.74 -16.96 20.34
CA MET A 111 4.54 -16.77 21.15
C MET A 111 3.29 -16.64 20.28
N LYS A 112 2.14 -16.84 20.90
CA LYS A 112 0.85 -16.75 20.22
C LYS A 112 0.39 -15.30 20.30
N PRO A 113 -0.34 -14.83 19.28
CA PRO A 113 -0.83 -13.45 19.29
C PRO A 113 -1.94 -13.21 20.29
N ILE A 114 -2.32 -11.95 20.44
CA ILE A 114 -3.36 -11.55 21.35
C ILE A 114 -4.56 -11.14 20.50
N VAL A 115 -5.75 -11.34 21.03
CA VAL A 115 -6.97 -11.00 20.32
C VAL A 115 -7.84 -10.10 21.18
N THR A 116 -8.27 -8.98 20.61
CA THR A 116 -9.13 -8.04 21.33
C THR A 116 -10.54 -8.16 20.77
N GLU A 117 -11.49 -7.48 21.41
CA GLU A 117 -12.88 -7.48 20.97
C GLU A 117 -12.97 -6.91 19.56
N ARG A 118 -12.10 -5.95 19.25
CA ARG A 118 -12.10 -5.34 17.93
C ARG A 118 -11.62 -6.34 16.88
N ASP A 119 -10.61 -7.14 17.22
CA ASP A 119 -10.08 -8.13 16.29
C ASP A 119 -11.18 -9.13 15.95
N ILE A 120 -11.86 -9.62 17.00
CA ILE A 120 -12.94 -10.58 16.82
C ILE A 120 -14.01 -10.00 15.90
N TYR A 121 -14.43 -8.78 16.19
CA TYR A 121 -15.44 -8.12 15.38
C TYR A 121 -15.00 -8.01 13.93
N LYS A 122 -13.77 -7.57 13.70
CA LYS A 122 -13.28 -7.43 12.34
C LYS A 122 -13.20 -8.77 11.62
N ILE A 123 -12.57 -9.75 12.25
CA ILE A 123 -12.44 -11.05 11.61
C ILE A 123 -13.79 -11.67 11.29
N GLU A 124 -14.70 -11.67 12.25
CA GLU A 124 -16.03 -12.26 12.06
C GLU A 124 -16.77 -11.54 10.94
N LYS A 125 -16.61 -10.23 10.89
CA LYS A 125 -17.25 -9.42 9.86
C LYS A 125 -16.77 -9.83 8.48
N GLU A 126 -15.47 -10.00 8.33
CA GLU A 126 -14.87 -10.38 7.04
C GLU A 126 -15.21 -11.81 6.62
N GLU A 127 -15.25 -12.72 7.58
CA GLU A 127 -15.56 -14.11 7.27
C GLU A 127 -17.03 -14.33 6.93
N ASN A 128 -17.86 -13.32 7.18
CA ASN A 128 -19.29 -13.43 6.89
C ASN A 128 -19.69 -12.33 5.91
N ASP A 129 -18.73 -11.85 5.15
CA ASP A 129 -18.97 -10.79 4.17
C ASP A 129 -19.56 -11.34 2.88
N VAL A 130 -20.77 -11.88 2.97
CA VAL A 130 -21.46 -12.44 1.81
C VAL A 130 -22.07 -11.33 0.96
N GLU A 131 -22.13 -11.57 -0.35
CA GLU A 131 -22.70 -10.60 -1.28
C GLU A 131 -24.17 -10.39 -0.93
N PRO A 132 -24.59 -9.13 -0.76
CA PRO A 132 -25.99 -8.84 -0.42
C PRO A 132 -26.96 -9.17 -1.56
N GLN B 2 -6.75 -30.95 34.67
CA GLN B 2 -8.07 -30.24 34.59
C GLN B 2 -8.44 -29.93 33.13
N ASN B 3 -9.63 -30.36 32.71
CA ASN B 3 -10.09 -30.12 31.34
C ASN B 3 -10.29 -28.61 31.13
N GLN B 4 -10.00 -28.14 29.93
CA GLN B 4 -10.13 -26.72 29.61
C GLN B 4 -11.33 -26.41 28.75
N TYR B 5 -11.83 -25.19 28.86
CA TYR B 5 -12.97 -24.76 28.06
C TYR B 5 -12.47 -24.34 26.68
N PHE B 6 -13.41 -24.13 25.77
CA PHE B 6 -13.11 -23.64 24.45
C PHE B 6 -13.43 -22.17 24.56
N THR B 7 -12.40 -21.32 24.44
CA THR B 7 -12.60 -19.88 24.54
C THR B 7 -12.67 -19.22 23.17
N VAL B 8 -13.29 -18.05 23.10
CA VAL B 8 -13.39 -17.34 21.83
C VAL B 8 -12.03 -16.77 21.43
N GLN B 9 -11.23 -16.39 22.42
CA GLN B 9 -9.89 -15.85 22.17
C GLN B 9 -9.07 -16.86 21.37
N GLU B 10 -8.97 -18.06 21.90
CA GLU B 10 -8.22 -19.13 21.27
C GLU B 10 -8.80 -19.43 19.89
N ASN B 11 -10.13 -19.46 19.80
CA ASN B 11 -10.75 -19.74 18.51
C ASN B 11 -10.36 -18.73 17.43
N TYR B 12 -10.44 -17.44 17.75
CA TYR B 12 -10.09 -16.40 16.78
C TYR B 12 -8.57 -16.31 16.60
N LYS B 13 -7.86 -16.77 17.61
CA LYS B 13 -6.41 -16.79 17.58
C LYS B 13 -5.96 -17.90 16.63
N GLU B 14 -6.78 -18.93 16.49
CA GLU B 14 -6.43 -20.05 15.62
C GLU B 14 -7.04 -19.97 14.21
N ARG B 15 -7.14 -18.76 13.69
CA ARG B 15 -7.64 -18.54 12.33
C ARG B 15 -6.48 -17.95 11.53
N PHE B 16 -6.22 -18.50 10.35
CA PHE B 16 -5.11 -18.02 9.55
C PHE B 16 -5.38 -17.96 8.06
N TYR B 17 -4.41 -17.38 7.35
CA TYR B 17 -4.42 -17.32 5.90
C TYR B 17 -3.34 -18.34 5.61
N GLN B 18 -3.59 -19.19 4.63
CA GLN B 18 -2.65 -20.26 4.28
C GLN B 18 -1.90 -20.04 2.98
N ILE B 19 -0.57 -20.03 3.06
CA ILE B 19 0.24 -19.86 1.87
C ILE B 19 0.89 -21.19 1.52
N PRO B 20 0.74 -21.65 0.28
CA PRO B 20 1.34 -22.91 -0.16
C PRO B 20 2.85 -22.89 0.05
N LYS B 21 3.39 -23.94 0.67
CA LYS B 21 4.83 -24.04 0.91
C LYS B 21 5.61 -24.05 -0.39
N VAL B 22 4.99 -24.58 -1.44
CA VAL B 22 5.65 -24.63 -2.74
C VAL B 22 6.04 -23.22 -3.20
N PHE B 23 5.40 -22.19 -2.66
CA PHE B 23 5.74 -20.81 -3.04
C PHE B 23 7.10 -20.41 -2.49
N PHE B 24 7.66 -21.22 -1.60
CA PHE B 24 8.95 -20.89 -1.01
C PHE B 24 10.02 -21.92 -1.34
N THR B 25 9.65 -22.96 -2.07
CA THR B 25 10.60 -24.00 -2.44
C THR B 25 10.77 -24.05 -3.95
N SER B 26 9.64 -24.13 -4.65
CA SER B 26 9.61 -24.19 -6.12
C SER B 26 10.23 -22.93 -6.74
N GLU B 27 11.12 -23.13 -7.70
CA GLU B 27 11.76 -22.01 -8.38
C GLU B 27 10.80 -21.47 -9.43
N ASN B 28 9.71 -22.19 -9.64
CA ASN B 28 8.71 -21.77 -10.61
C ASN B 28 7.91 -20.60 -10.05
N TYR B 29 8.11 -20.31 -8.77
CA TYR B 29 7.41 -19.21 -8.12
C TYR B 29 8.37 -18.22 -7.49
N LYS B 30 9.60 -18.21 -7.98
CA LYS B 30 10.61 -17.31 -7.46
C LYS B 30 10.30 -15.85 -7.83
N ASN B 31 9.44 -15.65 -8.81
CA ASN B 31 9.06 -14.29 -9.23
C ASN B 31 7.96 -13.68 -8.36
N LEU B 32 7.33 -14.49 -7.52
CA LEU B 32 6.28 -13.99 -6.66
C LEU B 32 6.85 -13.14 -5.54
N THR B 33 6.19 -12.03 -5.25
CA THR B 33 6.62 -11.14 -4.18
C THR B 33 5.83 -11.57 -2.94
N ASN B 34 6.23 -11.08 -1.78
CA ASN B 34 5.51 -11.44 -0.57
C ASN B 34 4.06 -11.00 -0.67
N ASP B 35 3.81 -9.84 -1.28
CA ASP B 35 2.45 -9.35 -1.40
C ASP B 35 1.57 -10.28 -2.22
N MET B 36 2.17 -10.90 -3.24
CA MET B 36 1.47 -11.83 -4.11
C MET B 36 1.16 -13.14 -3.36
N LYS B 37 2.13 -13.63 -2.59
CA LYS B 37 1.92 -14.86 -1.84
C LYS B 37 0.83 -14.66 -0.80
N ILE B 38 0.86 -13.52 -0.11
CA ILE B 38 -0.14 -13.21 0.90
C ILE B 38 -1.50 -13.00 0.25
N ALA B 39 -1.56 -12.19 -0.80
CA ALA B 39 -2.80 -11.93 -1.50
C ALA B 39 -3.43 -13.27 -1.93
N TYR B 40 -2.60 -14.17 -2.45
CA TYR B 40 -3.08 -15.47 -2.91
C TYR B 40 -3.77 -16.17 -1.74
N ALA B 41 -3.11 -16.15 -0.57
CA ALA B 41 -3.66 -16.81 0.61
C ALA B 41 -4.98 -16.18 1.06
N ILE B 42 -5.09 -14.87 0.93
CA ILE B 42 -6.31 -14.19 1.32
C ILE B 42 -7.45 -14.55 0.35
N LEU B 43 -7.16 -14.56 -0.94
CA LEU B 43 -8.20 -14.93 -1.90
C LEU B 43 -8.62 -16.38 -1.71
N ARG B 44 -7.68 -17.23 -1.29
CA ARG B 44 -7.95 -18.65 -1.05
C ARG B 44 -9.01 -18.78 0.03
N ASP B 45 -8.84 -17.99 1.10
CA ASP B 45 -9.76 -17.99 2.21
C ASP B 45 -11.13 -17.47 1.73
N ARG B 46 -11.12 -16.60 0.72
CA ARG B 46 -12.36 -16.03 0.20
C ARG B 46 -13.23 -17.03 -0.56
N LEU B 47 -12.62 -18.11 -1.03
CA LEU B 47 -13.35 -19.15 -1.78
C LEU B 47 -14.60 -19.59 -1.01
N ASN B 48 -14.52 -19.53 0.32
CA ASN B 48 -15.63 -19.92 1.17
C ASN B 48 -16.82 -19.01 0.90
N LEU B 49 -16.54 -17.72 0.74
CA LEU B 49 -17.59 -16.75 0.47
C LEU B 49 -18.12 -16.87 -0.95
N SER B 50 -17.25 -17.21 -1.91
CA SER B 50 -17.74 -17.37 -3.28
C SER B 50 -18.82 -18.43 -3.33
N ILE B 51 -18.61 -19.51 -2.59
CA ILE B 51 -19.59 -20.59 -2.56
C ILE B 51 -20.93 -20.06 -2.05
N LYS B 52 -20.89 -19.33 -0.94
CA LYS B 52 -22.11 -18.77 -0.37
C LYS B 52 -22.79 -17.80 -1.33
N ASN B 53 -22.00 -17.13 -2.16
CA ASN B 53 -22.55 -16.18 -3.13
C ASN B 53 -22.97 -16.91 -4.40
N SER B 54 -22.93 -18.24 -4.35
CA SER B 54 -23.29 -19.07 -5.49
C SER B 54 -22.42 -18.79 -6.71
N TRP B 55 -21.21 -18.28 -6.48
CA TRP B 55 -20.29 -18.00 -7.58
C TRP B 55 -19.58 -19.28 -7.98
N VAL B 56 -20.34 -20.23 -8.49
CA VAL B 56 -19.80 -21.51 -8.93
C VAL B 56 -20.07 -21.70 -10.41
N ASP B 57 -19.02 -22.05 -11.13
CA ASP B 57 -19.06 -22.27 -12.56
C ASP B 57 -19.96 -23.45 -12.92
N GLU B 58 -20.27 -23.60 -14.21
CA GLU B 58 -21.12 -24.70 -14.65
C GLU B 58 -20.42 -26.05 -14.46
N ASP B 59 -19.08 -26.02 -14.38
CA ASP B 59 -18.31 -27.23 -14.19
C ASP B 59 -17.93 -27.43 -12.73
N GLY B 60 -18.44 -26.56 -11.87
CA GLY B 60 -18.15 -26.67 -10.45
C GLY B 60 -16.96 -25.84 -10.02
N ASN B 61 -16.41 -25.04 -10.93
CA ASN B 61 -15.26 -24.20 -10.59
C ASN B 61 -15.68 -22.95 -9.83
N ILE B 62 -14.96 -22.66 -8.75
CA ILE B 62 -15.24 -21.50 -7.90
C ILE B 62 -14.53 -20.27 -8.44
N TYR B 63 -15.25 -19.15 -8.55
CA TYR B 63 -14.68 -17.92 -9.07
C TYR B 63 -15.07 -16.69 -8.26
N PHE B 64 -14.50 -15.55 -8.64
CA PHE B 64 -14.77 -14.27 -7.96
C PHE B 64 -15.39 -13.29 -8.96
N VAL B 65 -16.31 -12.47 -8.45
CA VAL B 65 -16.99 -11.45 -9.24
C VAL B 65 -16.85 -10.14 -8.48
N TYR B 66 -15.70 -9.92 -7.86
CA TYR B 66 -15.47 -8.71 -7.09
C TYR B 66 -14.97 -7.55 -7.95
N SER B 67 -15.46 -6.36 -7.65
CA SER B 67 -15.03 -5.17 -8.39
C SER B 67 -13.65 -4.79 -7.88
N ASN B 68 -12.97 -3.93 -8.63
CA ASN B 68 -11.63 -3.48 -8.24
C ASN B 68 -11.65 -2.80 -6.88
N GLU B 69 -12.73 -2.09 -6.58
CA GLU B 69 -12.86 -1.41 -5.30
C GLU B 69 -12.93 -2.44 -4.17
N LYS B 70 -13.67 -3.52 -4.42
CA LYS B 70 -13.84 -4.57 -3.42
C LYS B 70 -12.54 -5.31 -3.16
N LEU B 71 -11.87 -5.73 -4.22
CA LEU B 71 -10.59 -6.43 -4.11
C LEU B 71 -9.59 -5.58 -3.32
N MET B 72 -9.52 -4.30 -3.64
CA MET B 72 -8.61 -3.38 -2.93
C MET B 72 -8.90 -3.41 -1.43
N GLU B 73 -10.17 -3.47 -1.09
CA GLU B 73 -10.59 -3.52 0.30
C GLU B 73 -10.21 -4.87 0.92
N ILE B 74 -10.43 -5.95 0.16
CA ILE B 74 -10.12 -7.30 0.64
C ILE B 74 -8.63 -7.51 0.87
N LEU B 75 -7.82 -7.02 -0.07
CA LEU B 75 -6.36 -7.14 -0.01
C LEU B 75 -5.73 -5.93 0.66
N ASN B 76 -6.57 -5.00 1.08
CA ASN B 76 -6.11 -3.77 1.73
C ASN B 76 -4.92 -3.15 1.01
N CYS B 77 -5.10 -2.80 -0.26
CA CYS B 77 -4.02 -2.21 -1.06
C CYS B 77 -4.56 -1.17 -2.04
N LYS B 78 -3.64 -0.46 -2.71
CA LYS B 78 -4.03 0.56 -3.67
C LYS B 78 -4.19 0.00 -5.09
N LYS B 79 -4.75 0.80 -5.99
CA LYS B 79 -4.97 0.38 -7.38
C LYS B 79 -3.73 -0.21 -8.03
N GLU B 80 -2.60 0.47 -7.85
CA GLU B 80 -1.33 0.05 -8.42
C GLU B 80 -0.95 -1.35 -7.96
N LYS B 81 -1.08 -1.59 -6.65
CA LYS B 81 -0.74 -2.87 -6.07
C LYS B 81 -1.63 -3.96 -6.64
N LEU B 82 -2.93 -3.68 -6.72
CA LEU B 82 -3.89 -4.66 -7.23
C LEU B 82 -3.46 -5.14 -8.61
N THR B 83 -3.14 -4.20 -9.49
CA THR B 83 -2.73 -4.48 -10.86
C THR B 83 -1.48 -5.36 -10.86
N LYS B 84 -0.50 -5.00 -10.05
CA LYS B 84 0.72 -5.77 -10.00
C LYS B 84 0.49 -7.18 -9.42
N ILE B 85 -0.37 -7.30 -8.40
CA ILE B 85 -0.65 -8.60 -7.80
C ILE B 85 -1.32 -9.52 -8.82
N LYS B 86 -2.40 -9.03 -9.43
CA LYS B 86 -3.13 -9.78 -10.43
C LYS B 86 -2.22 -10.23 -11.56
N LYS B 87 -1.34 -9.32 -12.00
CA LYS B 87 -0.43 -9.62 -13.09
C LYS B 87 0.55 -10.72 -12.67
N GLY B 88 1.09 -10.59 -11.46
CA GLY B 88 2.03 -11.58 -10.97
C GLY B 88 1.39 -12.95 -10.79
N LEU B 89 0.20 -13.03 -10.21
CA LEU B 89 -0.45 -14.32 -10.02
C LEU B 89 -0.80 -14.91 -11.38
N GLU B 90 -1.21 -14.05 -12.31
CA GLU B 90 -1.59 -14.49 -13.65
C GLU B 90 -0.39 -15.04 -14.42
N ASN B 91 0.77 -14.40 -14.30
CA ASN B 91 1.95 -14.87 -15.02
C ASN B 91 2.42 -16.25 -14.55
N ASP B 92 2.06 -16.62 -13.33
CA ASP B 92 2.48 -17.91 -12.80
C ASP B 92 1.35 -18.93 -12.81
N GLY B 93 0.32 -18.64 -13.59
CA GLY B 93 -0.81 -19.54 -13.71
C GLY B 93 -1.60 -19.76 -12.42
N LEU B 94 -1.46 -18.85 -11.47
CA LEU B 94 -2.18 -18.97 -10.20
C LEU B 94 -3.51 -18.23 -10.24
N LEU B 95 -3.74 -17.47 -11.30
CA LEU B 95 -4.95 -16.69 -11.43
C LEU B 95 -5.39 -16.56 -12.88
N ILE B 96 -6.68 -16.78 -13.14
CA ILE B 96 -7.23 -16.64 -14.47
C ILE B 96 -8.17 -15.45 -14.43
N GLN B 97 -8.06 -14.57 -15.43
CA GLN B 97 -8.89 -13.37 -15.47
C GLN B 97 -9.68 -13.26 -16.77
N LYS B 98 -11.00 -13.29 -16.68
CA LYS B 98 -11.88 -13.16 -17.84
C LYS B 98 -12.59 -11.80 -17.78
N ARG B 99 -12.30 -10.94 -18.76
CA ARG B 99 -12.91 -9.62 -18.80
C ARG B 99 -14.31 -9.64 -19.39
N ARG B 100 -15.15 -8.73 -18.89
CA ARG B 100 -16.53 -8.61 -19.35
C ARG B 100 -16.73 -7.20 -19.91
N GLY B 101 -15.66 -6.41 -19.87
CA GLY B 101 -15.72 -5.05 -20.38
C GLY B 101 -16.67 -4.15 -19.61
N LEU B 102 -16.79 -2.91 -20.06
CA LEU B 102 -17.68 -1.93 -19.43
C LEU B 102 -17.34 -1.75 -17.96
N ASN B 103 -18.39 -1.61 -17.13
CA ASN B 103 -18.20 -1.44 -15.70
C ASN B 103 -18.47 -2.75 -14.96
N LYS B 104 -18.65 -3.83 -15.71
CA LYS B 104 -18.89 -5.15 -15.13
C LYS B 104 -17.60 -5.79 -14.63
N PRO B 105 -17.53 -6.10 -13.32
CA PRO B 105 -16.36 -6.72 -12.69
C PRO B 105 -15.85 -7.92 -13.47
N ASN B 106 -14.53 -8.01 -13.62
CA ASN B 106 -13.93 -9.13 -14.33
C ASN B 106 -14.11 -10.41 -13.52
N ILE B 107 -14.17 -11.54 -14.22
CA ILE B 107 -14.31 -12.83 -13.56
C ILE B 107 -12.92 -13.34 -13.25
N LEU B 108 -12.65 -13.58 -11.96
CA LEU B 108 -11.34 -14.09 -11.54
C LEU B 108 -11.45 -15.52 -11.01
N TYR B 109 -10.57 -16.37 -11.52
CA TYR B 109 -10.52 -17.77 -11.09
C TYR B 109 -9.19 -18.01 -10.41
N LEU B 110 -9.23 -18.30 -9.11
CA LEU B 110 -7.99 -18.58 -8.38
C LEU B 110 -7.66 -20.01 -8.80
N MET B 111 -6.37 -20.32 -8.93
CA MET B 111 -5.95 -21.65 -9.33
C MET B 111 -5.00 -22.28 -8.31
N LYS B 112 -4.99 -23.61 -8.25
CA LYS B 112 -4.12 -24.34 -7.34
C LYS B 112 -2.72 -24.36 -7.95
N PRO B 113 -1.69 -24.34 -7.09
CA PRO B 113 -0.31 -24.36 -7.56
C PRO B 113 0.10 -25.70 -8.16
N ILE B 114 1.27 -25.70 -8.78
CA ILE B 114 1.84 -26.89 -9.41
C ILE B 114 2.92 -27.40 -8.49
N VAL B 115 3.06 -28.72 -8.40
CA VAL B 115 4.08 -29.32 -7.57
C VAL B 115 4.88 -30.32 -8.39
N THR B 116 6.19 -30.17 -8.39
CA THR B 116 7.06 -31.08 -9.15
C THR B 116 7.84 -31.97 -8.17
N GLU B 117 8.55 -32.96 -8.72
CA GLU B 117 9.35 -33.87 -7.90
C GLU B 117 10.31 -33.08 -7.03
N ARG B 118 10.99 -32.10 -7.63
CA ARG B 118 11.93 -31.30 -6.86
C ARG B 118 11.22 -30.62 -5.70
N ASP B 119 10.00 -30.15 -5.92
CA ASP B 119 9.24 -29.49 -4.85
C ASP B 119 9.00 -30.49 -3.73
N ILE B 120 8.55 -31.69 -4.10
CA ILE B 120 8.30 -32.76 -3.15
C ILE B 120 9.57 -33.00 -2.34
N TYR B 121 10.66 -33.25 -3.06
CA TYR B 121 11.95 -33.50 -2.43
C TYR B 121 12.33 -32.39 -1.46
N LYS B 122 12.30 -31.15 -1.92
CA LYS B 122 12.65 -30.03 -1.06
C LYS B 122 11.76 -29.88 0.15
N ILE B 123 10.45 -29.99 -0.04
CA ILE B 123 9.53 -29.83 1.09
C ILE B 123 9.70 -30.94 2.12
N GLU B 124 9.87 -32.17 1.66
CA GLU B 124 10.04 -33.31 2.56
C GLU B 124 11.29 -33.14 3.40
N LYS B 125 12.39 -32.71 2.77
CA LYS B 125 13.63 -32.51 3.49
C LYS B 125 13.54 -31.40 4.53
N GLU B 126 12.82 -30.33 4.22
CA GLU B 126 12.69 -29.23 5.18
C GLU B 126 11.91 -29.62 6.42
N GLU B 127 10.81 -30.34 6.26
CA GLU B 127 10.04 -30.69 7.44
C GLU B 127 10.56 -31.91 8.17
N ASN B 128 11.68 -32.45 7.69
CA ASN B 128 12.32 -33.59 8.34
C ASN B 128 13.72 -33.20 8.77
N ASP B 129 13.96 -31.90 8.79
CA ASP B 129 15.26 -31.36 9.17
C ASP B 129 15.46 -31.37 10.68
N VAL B 130 15.54 -32.56 11.26
CA VAL B 130 15.75 -32.70 12.70
C VAL B 130 17.23 -32.55 13.02
N GLU B 131 17.54 -32.23 14.27
CA GLU B 131 18.93 -32.07 14.67
C GLU B 131 19.62 -33.43 14.77
N PRO B 132 20.88 -33.53 14.33
CA PRO B 132 21.63 -34.79 14.36
C PRO B 132 21.93 -35.22 15.80
N TYR B 133 21.98 -36.53 16.03
CA TYR B 133 22.25 -37.08 17.36
C TYR B 133 23.71 -36.91 17.77
N GLN C 2 13.13 41.18 12.55
CA GLN C 2 13.57 41.96 11.34
C GLN C 2 12.69 41.62 10.13
N ASN C 3 12.42 42.63 9.30
CA ASN C 3 11.60 42.46 8.10
C ASN C 3 12.41 41.73 7.03
N GLN C 4 11.79 40.75 6.35
CA GLN C 4 12.50 39.99 5.34
C GLN C 4 12.11 40.36 3.91
N TYR C 5 13.05 40.18 2.99
CA TYR C 5 12.83 40.48 1.58
C TYR C 5 12.03 39.33 0.94
N PHE C 6 11.53 39.57 -0.26
CA PHE C 6 10.85 38.53 -1.02
C PHE C 6 11.93 38.04 -1.96
N THR C 7 12.26 36.75 -1.87
CA THR C 7 13.30 36.15 -2.70
C THR C 7 12.68 35.34 -3.84
N VAL C 8 13.41 35.22 -4.94
CA VAL C 8 12.93 34.48 -6.10
C VAL C 8 12.93 32.96 -5.81
N GLN C 9 13.88 32.51 -4.99
CA GLN C 9 13.96 31.11 -4.65
C GLN C 9 12.75 30.70 -3.82
N GLU C 10 12.36 31.53 -2.86
CA GLU C 10 11.20 31.20 -2.04
C GLU C 10 9.95 31.23 -2.91
N ASN C 11 9.94 32.13 -3.90
CA ASN C 11 8.80 32.24 -4.78
C ASN C 11 8.59 30.98 -5.61
N TYR C 12 9.66 30.44 -6.21
CA TYR C 12 9.50 29.23 -7.01
C TYR C 12 9.35 28.00 -6.12
N LYS C 13 9.79 28.13 -4.88
CA LYS C 13 9.67 27.07 -3.90
C LYS C 13 8.20 26.93 -3.52
N GLU C 14 7.45 28.03 -3.59
CA GLU C 14 6.04 28.03 -3.25
C GLU C 14 5.13 27.89 -4.47
N ARG C 15 5.59 27.10 -5.43
CA ARG C 15 4.83 26.81 -6.65
C ARG C 15 4.52 25.31 -6.64
N PHE C 16 3.25 24.94 -6.76
CA PHE C 16 2.91 23.52 -6.74
C PHE C 16 1.81 23.09 -7.68
N TYR C 17 1.56 21.78 -7.68
CA TYR C 17 0.50 21.18 -8.45
C TYR C 17 -0.49 20.78 -7.38
N GLN C 18 -1.77 20.96 -7.67
CA GLN C 18 -2.80 20.69 -6.69
C GLN C 18 -3.65 19.47 -6.97
N ILE C 19 -3.63 18.52 -6.04
CA ILE C 19 -4.43 17.31 -6.17
C ILE C 19 -5.61 17.43 -5.23
N PRO C 20 -6.84 17.29 -5.75
CA PRO C 20 -8.04 17.38 -4.91
C PRO C 20 -7.94 16.38 -3.77
N LYS C 21 -8.28 16.81 -2.55
CA LYS C 21 -8.22 15.91 -1.40
C LYS C 21 -9.21 14.78 -1.54
N VAL C 22 -10.32 15.06 -2.21
CA VAL C 22 -11.36 14.06 -2.39
C VAL C 22 -10.80 12.82 -3.11
N PHE C 23 -9.69 12.95 -3.84
CA PHE C 23 -9.09 11.81 -4.54
C PHE C 23 -8.48 10.80 -3.57
N PHE C 24 -8.39 11.16 -2.29
CA PHE C 24 -7.81 10.26 -1.29
C PHE C 24 -8.79 9.83 -0.21
N THR C 25 -10.04 10.25 -0.33
CA THR C 25 -11.03 9.88 0.66
C THR C 25 -12.25 9.27 -0.03
N SER C 26 -12.64 9.86 -1.15
CA SER C 26 -13.79 9.41 -1.93
C SER C 26 -13.70 7.96 -2.35
N GLU C 27 -14.78 7.22 -2.13
CA GLU C 27 -14.84 5.83 -2.50
C GLU C 27 -15.21 5.77 -3.98
N ASN C 28 -15.28 6.92 -4.62
CA ASN C 28 -15.63 6.97 -6.03
C ASN C 28 -14.38 7.18 -6.88
N TYR C 29 -13.24 7.38 -6.23
CA TYR C 29 -11.98 7.59 -6.93
C TYR C 29 -10.90 6.58 -6.53
N LYS C 30 -11.31 5.39 -6.11
CA LYS C 30 -10.36 4.36 -5.72
C LYS C 30 -9.62 3.76 -6.90
N ASN C 31 -10.16 3.91 -8.11
CA ASN C 31 -9.50 3.37 -9.28
C ASN C 31 -8.41 4.28 -9.83
N LEU C 32 -8.37 5.51 -9.33
CA LEU C 32 -7.34 6.43 -9.80
C LEU C 32 -5.98 6.03 -9.25
N THR C 33 -4.99 6.00 -10.13
CA THR C 33 -3.62 5.66 -9.73
C THR C 33 -2.90 6.95 -9.38
N ASN C 34 -1.72 6.83 -8.77
CA ASN C 34 -0.95 8.02 -8.42
C ASN C 34 -0.67 8.84 -9.67
N ASP C 35 -0.32 8.16 -10.77
CA ASP C 35 -0.02 8.89 -12.00
C ASP C 35 -1.24 9.64 -12.53
N MET C 36 -2.42 9.10 -12.28
CA MET C 36 -3.65 9.76 -12.72
C MET C 36 -3.97 11.00 -11.89
N LYS C 37 -3.76 10.91 -10.57
CA LYS C 37 -4.01 12.03 -9.66
C LYS C 37 -3.04 13.16 -9.94
N ILE C 38 -1.79 12.80 -10.13
CA ILE C 38 -0.76 13.79 -10.40
C ILE C 38 -1.01 14.40 -11.79
N ALA C 39 -1.30 13.57 -12.78
CA ALA C 39 -1.56 14.07 -14.11
C ALA C 39 -2.72 15.06 -14.02
N TYR C 40 -3.77 14.70 -13.30
CA TYR C 40 -4.92 15.58 -13.15
C TYR C 40 -4.47 16.96 -12.63
N ALA C 41 -3.64 16.96 -11.59
CA ALA C 41 -3.14 18.20 -11.00
C ALA C 41 -2.28 19.00 -12.01
N ILE C 42 -1.48 18.31 -12.83
CA ILE C 42 -0.66 19.01 -13.80
C ILE C 42 -1.56 19.66 -14.86
N LEU C 43 -2.61 18.96 -15.27
CA LEU C 43 -3.55 19.47 -16.26
C LEU C 43 -4.36 20.64 -15.68
N ARG C 44 -4.67 20.56 -14.39
CA ARG C 44 -5.43 21.63 -13.72
C ARG C 44 -4.60 22.91 -13.82
N ASP C 45 -3.29 22.77 -13.62
CA ASP C 45 -2.38 23.91 -13.70
C ASP C 45 -2.27 24.40 -15.15
N ARG C 46 -2.40 23.50 -16.14
CA ARG C 46 -2.33 23.93 -17.54
C ARG C 46 -3.50 24.80 -17.96
N LEU C 47 -4.59 24.75 -17.19
CA LEU C 47 -5.76 25.55 -17.51
C LEU C 47 -5.33 27.00 -17.69
N ASN C 48 -4.30 27.40 -16.95
CA ASN C 48 -3.80 28.76 -17.04
C ASN C 48 -3.34 29.07 -18.46
N LEU C 49 -2.58 28.14 -19.06
CA LEU C 49 -2.09 28.33 -20.41
C LEU C 49 -3.25 28.25 -21.40
N SER C 50 -4.27 27.46 -21.09
CA SER C 50 -5.43 27.36 -21.97
C SER C 50 -6.08 28.74 -22.12
N ILE C 51 -6.17 29.48 -21.01
CA ILE C 51 -6.76 30.82 -21.04
C ILE C 51 -5.93 31.74 -21.92
N LYS C 52 -4.61 31.67 -21.73
CA LYS C 52 -3.70 32.48 -22.52
C LYS C 52 -3.76 32.09 -24.00
N ASN C 53 -4.17 30.85 -24.29
CA ASN C 53 -4.28 30.36 -25.67
C ASN C 53 -5.68 30.64 -26.22
N SER C 54 -6.53 31.24 -25.38
CA SER C 54 -7.90 31.55 -25.75
C SER C 54 -8.70 30.27 -26.02
N TRP C 55 -8.31 29.17 -25.39
CA TRP C 55 -9.04 27.92 -25.58
C TRP C 55 -10.27 27.91 -24.67
N VAL C 56 -11.23 28.77 -24.99
CA VAL C 56 -12.48 28.89 -24.24
C VAL C 56 -13.62 28.82 -25.22
N ASP C 57 -14.56 27.89 -25.00
CA ASP C 57 -15.69 27.74 -25.90
C ASP C 57 -16.75 28.83 -25.69
N GLU C 58 -17.83 28.78 -26.46
CA GLU C 58 -18.89 29.79 -26.36
C GLU C 58 -19.55 29.83 -24.98
N ASP C 59 -19.49 28.71 -24.26
CA ASP C 59 -20.09 28.63 -22.94
C ASP C 59 -19.14 29.10 -21.85
N GLY C 60 -17.90 29.40 -22.23
CA GLY C 60 -16.93 29.85 -21.25
C GLY C 60 -16.15 28.69 -20.61
N ASN C 61 -16.37 27.48 -21.10
CA ASN C 61 -15.65 26.31 -20.57
C ASN C 61 -14.23 26.24 -21.14
N ILE C 62 -13.25 26.08 -20.26
CA ILE C 62 -11.84 26.00 -20.65
C ILE C 62 -11.52 24.59 -21.12
N TYR C 63 -10.80 24.47 -22.24
CA TYR C 63 -10.46 23.15 -22.77
C TYR C 63 -9.03 23.07 -23.27
N PHE C 64 -8.63 21.91 -23.79
CA PHE C 64 -7.28 21.70 -24.32
C PHE C 64 -7.32 21.29 -25.78
N VAL C 65 -6.29 21.71 -26.53
CA VAL C 65 -6.16 21.36 -27.94
C VAL C 65 -4.73 20.87 -28.13
N TYR C 66 -4.30 19.98 -27.25
CA TYR C 66 -2.95 19.45 -27.31
C TYR C 66 -2.89 18.09 -28.00
N SER C 67 -1.85 17.85 -28.78
CA SER C 67 -1.70 16.57 -29.47
C SER C 67 -1.23 15.56 -28.42
N ASN C 68 -1.45 14.27 -28.66
CA ASN C 68 -1.03 13.26 -27.69
C ASN C 68 0.47 13.40 -27.41
N GLU C 69 1.25 13.72 -28.43
CA GLU C 69 2.69 13.88 -28.25
C GLU C 69 2.95 14.98 -27.22
N LYS C 70 2.25 16.09 -27.41
CA LYS C 70 2.41 17.23 -26.51
C LYS C 70 1.95 16.87 -25.11
N LEU C 71 0.86 16.13 -25.00
CA LEU C 71 0.36 15.71 -23.70
C LEU C 71 1.42 14.85 -23.01
N MET C 72 2.11 14.03 -23.79
CA MET C 72 3.17 13.17 -23.26
C MET C 72 4.28 14.02 -22.66
N GLU C 73 4.62 15.11 -23.34
CA GLU C 73 5.69 15.97 -22.84
C GLU C 73 5.21 16.75 -21.61
N ILE C 74 3.94 17.14 -21.61
CA ILE C 74 3.36 17.90 -20.52
C ILE C 74 3.33 17.05 -19.25
N LEU C 75 2.85 15.82 -19.38
CA LEU C 75 2.76 14.90 -18.25
C LEU C 75 4.04 14.11 -18.06
N ASN C 76 5.01 14.32 -18.94
CA ASN C 76 6.28 13.61 -18.89
C ASN C 76 6.09 12.10 -18.77
N CYS C 77 5.37 11.52 -19.70
CA CYS C 77 5.14 10.08 -19.71
C CYS C 77 5.17 9.54 -21.14
N LYS C 78 5.28 8.22 -21.26
CA LYS C 78 5.31 7.57 -22.56
C LYS C 78 3.90 7.34 -23.07
N LYS C 79 3.76 7.12 -24.38
CA LYS C 79 2.47 6.90 -25.00
C LYS C 79 1.65 5.84 -24.30
N GLU C 80 2.33 4.78 -23.84
CA GLU C 80 1.66 3.69 -23.15
C GLU C 80 0.92 4.21 -21.92
N LYS C 81 1.64 4.94 -21.08
CA LYS C 81 1.08 5.49 -19.85
C LYS C 81 0.00 6.52 -20.16
N LEU C 82 0.27 7.38 -21.14
CA LEU C 82 -0.67 8.44 -21.52
C LEU C 82 -2.05 7.88 -21.84
N THR C 83 -2.08 6.75 -22.53
CA THR C 83 -3.33 6.11 -22.89
C THR C 83 -4.06 5.62 -21.65
N LYS C 84 -3.30 5.11 -20.68
CA LYS C 84 -3.87 4.59 -19.45
C LYS C 84 -4.44 5.72 -18.59
N ILE C 85 -3.69 6.82 -18.49
CA ILE C 85 -4.12 7.98 -17.71
C ILE C 85 -5.41 8.57 -18.28
N LYS C 86 -5.44 8.81 -19.59
CA LYS C 86 -6.65 9.37 -20.20
C LYS C 86 -7.88 8.52 -19.91
N LYS C 87 -7.75 7.21 -20.06
CA LYS C 87 -8.86 6.30 -19.81
C LYS C 87 -9.30 6.32 -18.36
N GLY C 88 -8.32 6.31 -17.45
CA GLY C 88 -8.65 6.33 -16.03
C GLY C 88 -9.41 7.60 -15.67
N LEU C 89 -8.88 8.76 -16.08
CA LEU C 89 -9.53 10.02 -15.77
C LEU C 89 -10.89 10.08 -16.43
N GLU C 90 -11.00 9.55 -17.65
CA GLU C 90 -12.25 9.57 -18.36
C GLU C 90 -13.32 8.69 -17.69
N ASN C 91 -12.94 7.49 -17.26
CA ASN C 91 -13.90 6.59 -16.61
C ASN C 91 -14.50 7.19 -15.34
N ASP C 92 -13.76 8.09 -14.70
CA ASP C 92 -14.25 8.72 -13.49
C ASP C 92 -14.84 10.12 -13.73
N GLY C 93 -15.11 10.42 -15.00
CA GLY C 93 -15.71 11.70 -15.38
C GLY C 93 -14.84 12.91 -15.09
N LEU C 94 -13.54 12.68 -14.99
CA LEU C 94 -12.60 13.76 -14.69
C LEU C 94 -12.06 14.36 -15.98
N LEU C 95 -12.33 13.70 -17.10
CA LEU C 95 -11.86 14.19 -18.40
C LEU C 95 -12.83 13.81 -19.51
N ILE C 96 -13.12 14.76 -20.39
CA ILE C 96 -14.01 14.53 -21.52
C ILE C 96 -13.25 14.77 -22.82
N GLN C 97 -13.40 13.84 -23.77
CA GLN C 97 -12.72 13.98 -25.07
C GLN C 97 -13.73 14.18 -26.18
N LYS C 98 -13.37 15.03 -27.14
CA LYS C 98 -14.20 15.30 -28.29
C LYS C 98 -13.32 15.22 -29.53
N ARG C 99 -13.50 14.16 -30.31
CA ARG C 99 -12.70 13.96 -31.52
C ARG C 99 -13.18 14.78 -32.70
N ARG C 100 -12.23 15.43 -33.37
CA ARG C 100 -12.49 16.27 -34.53
C ARG C 100 -12.15 15.49 -35.79
N GLY C 101 -11.77 14.22 -35.60
CA GLY C 101 -11.41 13.36 -36.72
C GLY C 101 -10.19 13.84 -37.48
N LEU C 102 -9.95 13.24 -38.65
CA LEU C 102 -8.81 13.62 -39.48
C LEU C 102 -7.53 13.62 -38.66
N ASN C 103 -6.84 14.75 -38.65
CA ASN C 103 -5.60 14.90 -37.91
C ASN C 103 -5.70 16.03 -36.88
N LYS C 104 -6.89 16.63 -36.80
CA LYS C 104 -7.14 17.72 -35.86
C LYS C 104 -7.13 17.14 -34.44
N PRO C 105 -6.16 17.57 -33.61
CA PRO C 105 -6.04 17.09 -32.23
C PRO C 105 -7.39 17.05 -31.51
N ASN C 106 -7.60 15.99 -30.74
CA ASN C 106 -8.84 15.85 -29.98
C ASN C 106 -8.99 17.00 -28.99
N ILE C 107 -10.23 17.34 -28.69
CA ILE C 107 -10.50 18.42 -27.73
C ILE C 107 -10.74 17.81 -26.36
N LEU C 108 -9.89 18.18 -25.40
CA LEU C 108 -10.01 17.66 -24.06
C LEU C 108 -10.57 18.67 -23.06
N TYR C 109 -11.51 18.21 -22.26
CA TYR C 109 -12.10 19.05 -21.23
C TYR C 109 -11.82 18.45 -19.85
N LEU C 110 -11.01 19.14 -19.05
CA LEU C 110 -10.74 18.67 -17.70
C LEU C 110 -11.99 19.04 -16.91
N MET C 111 -12.44 18.15 -16.03
CA MET C 111 -13.65 18.40 -15.23
C MET C 111 -13.29 18.42 -13.75
N LYS C 112 -14.17 19.05 -12.97
CA LYS C 112 -13.98 19.15 -11.52
C LYS C 112 -14.53 17.90 -10.87
N PRO C 113 -13.92 17.48 -9.76
CA PRO C 113 -14.36 16.28 -9.06
C PRO C 113 -15.72 16.44 -8.40
N ILE C 114 -16.29 15.32 -7.99
CA ILE C 114 -17.59 15.31 -7.33
C ILE C 114 -17.35 15.11 -5.85
N VAL C 115 -18.17 15.76 -5.03
CA VAL C 115 -18.06 15.64 -3.58
C VAL C 115 -19.39 15.21 -2.99
N THR C 116 -19.36 14.16 -2.16
CA THR C 116 -20.56 13.65 -1.50
C THR C 116 -20.53 14.06 -0.02
N GLU C 117 -21.59 13.72 0.72
CA GLU C 117 -21.65 14.04 2.15
C GLU C 117 -20.54 13.31 2.90
N ARG C 118 -20.26 12.08 2.46
CA ARG C 118 -19.22 11.26 3.07
C ARG C 118 -17.84 11.89 2.88
N ASP C 119 -17.61 12.47 1.70
CA ASP C 119 -16.33 13.11 1.42
C ASP C 119 -16.14 14.31 2.35
N ILE C 120 -17.19 15.10 2.51
CA ILE C 120 -17.14 16.27 3.39
C ILE C 120 -16.87 15.82 4.82
N TYR C 121 -17.57 14.77 5.23
CA TYR C 121 -17.40 14.24 6.58
C TYR C 121 -15.95 13.80 6.80
N LYS C 122 -15.41 13.00 5.89
CA LYS C 122 -14.04 12.53 6.03
C LYS C 122 -13.00 13.64 5.98
N ILE C 123 -13.10 14.51 4.97
CA ILE C 123 -12.15 15.60 4.85
C ILE C 123 -12.15 16.48 6.10
N GLU C 124 -13.34 16.82 6.57
CA GLU C 124 -13.48 17.66 7.75
C GLU C 124 -12.93 16.95 8.97
N LYS C 125 -13.18 15.65 9.04
CA LYS C 125 -12.70 14.85 10.16
C LYS C 125 -11.18 14.95 10.23
N GLU C 126 -10.53 14.78 9.08
CA GLU C 126 -9.07 14.84 9.01
C GLU C 126 -8.52 16.24 9.21
N GLU C 127 -9.24 17.23 8.68
CA GLU C 127 -8.82 18.64 8.81
C GLU C 127 -8.76 19.06 10.27
N ASN C 128 -9.62 18.48 11.10
CA ASN C 128 -9.65 18.84 12.52
C ASN C 128 -9.22 17.73 13.46
N ASP C 129 -8.36 16.86 12.96
CA ASP C 129 -7.86 15.73 13.74
C ASP C 129 -6.70 16.12 14.65
N VAL C 130 -7.02 16.91 15.68
CA VAL C 130 -6.00 17.36 16.62
C VAL C 130 -5.80 16.32 17.71
N GLU C 131 -4.61 16.31 18.30
CA GLU C 131 -4.31 15.36 19.36
C GLU C 131 -5.18 15.67 20.59
N PRO C 132 -5.88 14.66 21.11
CA PRO C 132 -6.76 14.79 22.28
C PRO C 132 -6.04 15.16 23.57
N TYR C 133 -6.75 15.90 24.42
CA TYR C 133 -6.22 16.32 25.71
C TYR C 133 -6.44 15.26 26.78
N GLN D 2 -25.64 35.87 -12.71
CA GLN D 2 -26.07 36.52 -11.43
C GLN D 2 -25.10 36.22 -10.29
N ASN D 3 -25.33 36.84 -9.14
CA ASN D 3 -24.49 36.65 -7.97
C ASN D 3 -24.79 35.29 -7.35
N GLN D 4 -23.85 34.34 -7.50
CA GLN D 4 -24.07 33.00 -6.95
C GLN D 4 -23.59 32.85 -5.51
N TYR D 5 -24.18 31.88 -4.83
CA TYR D 5 -23.88 31.60 -3.44
C TYR D 5 -22.56 30.88 -3.28
N PHE D 6 -22.14 30.74 -2.02
CA PHE D 6 -20.93 30.02 -1.70
C PHE D 6 -21.46 28.67 -1.19
N THR D 7 -21.20 27.61 -1.94
CA THR D 7 -21.68 26.29 -1.56
C THR D 7 -20.63 25.47 -0.82
N VAL D 8 -21.10 24.57 0.03
CA VAL D 8 -20.19 23.72 0.79
C VAL D 8 -19.54 22.69 -0.16
N GLN D 9 -20.22 22.36 -1.25
CA GLN D 9 -19.68 21.40 -2.20
C GLN D 9 -18.44 22.02 -2.86
N GLU D 10 -18.58 23.24 -3.35
CA GLU D 10 -17.49 23.93 -4.01
C GLU D 10 -16.33 24.11 -3.06
N ASN D 11 -16.64 24.42 -1.80
CA ASN D 11 -15.61 24.62 -0.80
C ASN D 11 -14.76 23.35 -0.61
N TYR D 12 -15.40 22.18 -0.57
CA TYR D 12 -14.65 20.96 -0.39
C TYR D 12 -14.02 20.42 -1.67
N LYS D 13 -14.53 20.81 -2.82
CA LYS D 13 -13.93 20.39 -4.09
C LYS D 13 -12.62 21.17 -4.21
N GLU D 14 -12.60 22.37 -3.64
CA GLU D 14 -11.42 23.22 -3.71
C GLU D 14 -10.42 23.07 -2.57
N ARG D 15 -10.25 21.84 -2.10
CA ARG D 15 -9.27 21.54 -1.06
C ARG D 15 -8.29 20.56 -1.70
N PHE D 16 -7.00 20.86 -1.61
CA PHE D 16 -5.99 20.01 -2.22
C PHE D 16 -4.73 19.78 -1.42
N TYR D 17 -3.94 18.81 -1.88
CA TYR D 17 -2.65 18.55 -1.27
C TYR D 17 -1.73 19.20 -2.29
N GLN D 18 -0.72 19.89 -1.80
CA GLN D 18 0.19 20.61 -2.68
C GLN D 18 1.57 19.99 -2.81
N ILE D 19 1.94 19.64 -4.03
CA ILE D 19 3.24 19.07 -4.27
C ILE D 19 4.05 20.14 -4.98
N PRO D 20 5.21 20.52 -4.41
CA PRO D 20 6.02 21.54 -5.07
C PRO D 20 6.43 21.12 -6.48
N LYS D 21 6.35 22.08 -7.41
CA LYS D 21 6.69 21.83 -8.80
C LYS D 21 8.14 21.41 -8.99
N VAL D 22 9.00 21.84 -8.08
CA VAL D 22 10.40 21.50 -8.18
C VAL D 22 10.61 19.97 -8.14
N PHE D 23 9.61 19.22 -7.68
CA PHE D 23 9.75 17.76 -7.62
C PHE D 23 9.65 17.12 -9.01
N PHE D 24 9.23 17.91 -10.00
CA PHE D 24 9.09 17.38 -11.35
C PHE D 24 10.02 18.05 -12.36
N THR D 25 10.73 19.06 -11.92
CA THR D 25 11.65 19.77 -12.81
C THR D 25 13.07 19.55 -12.33
N SER D 26 13.33 19.85 -11.07
CA SER D 26 14.65 19.69 -10.47
C SER D 26 15.10 18.26 -10.63
N GLU D 27 16.30 18.08 -11.16
CA GLU D 27 16.84 16.75 -11.34
C GLU D 27 17.52 16.31 -10.04
N ASN D 28 17.35 17.12 -9.00
CA ASN D 28 17.91 16.80 -7.70
C ASN D 28 16.88 16.02 -6.91
N TYR D 29 15.73 15.77 -7.55
CA TYR D 29 14.65 15.02 -6.92
C TYR D 29 14.15 13.91 -7.84
N LYS D 30 15.04 13.44 -8.71
CA LYS D 30 14.70 12.37 -9.65
C LYS D 30 14.44 11.04 -8.95
N ASN D 31 15.04 10.86 -7.79
CA ASN D 31 14.87 9.62 -7.03
C ASN D 31 13.54 9.53 -6.29
N LEU D 32 12.84 10.65 -6.11
CA LEU D 32 11.56 10.61 -5.41
C LEU D 32 10.50 9.87 -6.21
N THR D 33 9.80 8.96 -5.54
CA THR D 33 8.74 8.22 -6.20
C THR D 33 7.46 9.02 -6.05
N ASN D 34 6.43 8.64 -6.78
CA ASN D 34 5.17 9.35 -6.67
C ASN D 34 4.64 9.27 -5.24
N ASP D 35 4.76 8.09 -4.61
CA ASP D 35 4.26 7.96 -3.24
C ASP D 35 4.96 8.92 -2.30
N MET D 36 6.24 9.18 -2.54
CA MET D 36 7.00 10.09 -1.68
C MET D 36 6.50 11.54 -1.88
N LYS D 37 6.31 11.91 -3.14
CA LYS D 37 5.82 13.25 -3.50
C LYS D 37 4.45 13.52 -2.88
N ILE D 38 3.55 12.54 -3.00
CA ILE D 38 2.20 12.62 -2.44
C ILE D 38 2.28 12.73 -0.91
N ALA D 39 3.12 11.88 -0.30
CA ALA D 39 3.28 11.87 1.14
C ALA D 39 3.81 13.21 1.66
N TYR D 40 4.80 13.76 0.97
CA TYR D 40 5.36 15.05 1.35
C TYR D 40 4.21 16.06 1.41
N ALA D 41 3.41 16.09 0.34
CA ALA D 41 2.29 17.02 0.26
C ALA D 41 1.32 16.82 1.41
N ILE D 42 0.98 15.57 1.69
CA ILE D 42 0.06 15.27 2.78
C ILE D 42 0.64 15.75 4.11
N LEU D 43 1.92 15.52 4.33
CA LEU D 43 2.54 15.96 5.58
C LEU D 43 2.56 17.49 5.65
N ARG D 44 2.71 18.13 4.50
CA ARG D 44 2.75 19.59 4.43
C ARG D 44 1.41 20.14 4.94
N ASP D 45 0.33 19.50 4.51
CA ASP D 45 -1.01 19.89 4.92
C ASP D 45 -1.18 19.66 6.43
N ARG D 46 -0.48 18.66 6.97
CA ARG D 46 -0.59 18.35 8.40
C ARG D 46 0.03 19.40 9.32
N LEU D 47 0.99 20.15 8.80
CA LEU D 47 1.67 21.19 9.56
C LEU D 47 0.67 22.04 10.34
N ASN D 48 -0.51 22.22 9.77
CA ASN D 48 -1.55 23.00 10.42
C ASN D 48 -1.93 22.40 11.76
N LEU D 49 -2.15 21.09 11.77
CA LEU D 49 -2.50 20.38 12.98
C LEU D 49 -1.34 20.44 13.98
N SER D 50 -0.11 20.34 13.49
CA SER D 50 1.05 20.40 14.38
C SER D 50 0.99 21.70 15.20
N ILE D 51 0.66 22.81 14.54
CA ILE D 51 0.59 24.11 15.22
C ILE D 51 -0.49 24.08 16.29
N LYS D 52 -1.64 23.51 15.95
CA LYS D 52 -2.73 23.42 16.91
C LYS D 52 -2.36 22.50 18.08
N ASN D 53 -1.52 21.50 17.82
CA ASN D 53 -1.11 20.57 18.86
C ASN D 53 0.06 21.18 19.63
N SER D 54 0.40 22.42 19.26
CA SER D 54 1.49 23.13 19.91
C SER D 54 2.84 22.44 19.69
N TRP D 55 2.95 21.68 18.60
CA TRP D 55 4.21 21.00 18.30
C TRP D 55 5.19 21.95 17.63
N VAL D 56 5.69 22.93 18.38
CA VAL D 56 6.64 23.91 17.87
C VAL D 56 7.79 24.01 18.88
N ASP D 57 9.03 23.95 18.40
CA ASP D 57 10.19 24.03 19.28
C ASP D 57 10.58 25.47 19.62
N GLU D 58 11.64 25.65 20.40
CA GLU D 58 12.08 26.98 20.81
C GLU D 58 12.38 27.93 19.65
N ASP D 59 12.95 27.38 18.58
CA ASP D 59 13.30 28.18 17.41
C ASP D 59 12.09 28.49 16.52
N GLY D 60 10.93 27.94 16.88
CA GLY D 60 9.73 28.17 16.09
C GLY D 60 9.50 27.15 14.98
N ASN D 61 10.37 26.13 14.90
CA ASN D 61 10.22 25.10 13.87
C ASN D 61 9.08 24.12 14.17
N ILE D 62 8.25 23.86 13.18
CA ILE D 62 7.10 22.97 13.30
C ILE D 62 7.51 21.52 13.06
N TYR D 63 7.07 20.62 13.92
CA TYR D 63 7.43 19.21 13.78
C TYR D 63 6.26 18.27 14.02
N PHE D 64 6.52 16.97 13.89
CA PHE D 64 5.51 15.94 14.10
C PHE D 64 5.92 14.98 15.21
N VAL D 65 4.95 14.57 16.02
CA VAL D 65 5.19 13.63 17.10
C VAL D 65 4.17 12.50 16.95
N TYR D 66 4.02 12.02 15.72
CA TYR D 66 3.06 10.96 15.43
C TYR D 66 3.71 9.58 15.53
N SER D 67 2.95 8.59 16.00
CA SER D 67 3.50 7.24 16.09
C SER D 67 3.50 6.66 14.68
N ASN D 68 4.23 5.55 14.50
CA ASN D 68 4.28 4.92 13.19
C ASN D 68 2.89 4.51 12.75
N GLU D 69 2.09 4.01 13.68
CA GLU D 69 0.75 3.59 13.32
C GLU D 69 -0.12 4.77 12.89
N LYS D 70 0.04 5.91 13.55
CA LYS D 70 -0.74 7.09 13.18
C LYS D 70 -0.27 7.56 11.80
N LEU D 71 1.05 7.57 11.57
CA LEU D 71 1.57 7.97 10.26
C LEU D 71 1.03 7.08 9.16
N MET D 72 0.94 5.78 9.46
CA MET D 72 0.43 4.82 8.48
C MET D 72 -1.02 5.15 8.15
N GLU D 73 -1.75 5.62 9.15
CA GLU D 73 -3.14 6.00 8.95
C GLU D 73 -3.23 7.30 8.14
N ILE D 74 -2.33 8.24 8.44
CA ILE D 74 -2.31 9.53 7.73
C ILE D 74 -1.93 9.36 6.27
N LEU D 75 -0.93 8.53 6.01
CA LEU D 75 -0.45 8.27 4.65
C LEU D 75 -1.18 7.12 3.98
N ASN D 76 -2.10 6.49 4.72
CA ASN D 76 -2.85 5.35 4.21
C ASN D 76 -1.93 4.34 3.51
N CYS D 77 -0.93 3.86 4.25
CA CYS D 77 0.02 2.89 3.71
C CYS D 77 0.41 1.87 4.77
N LYS D 78 1.20 0.88 4.38
CA LYS D 78 1.65 -0.15 5.31
C LYS D 78 3.03 0.22 5.84
N LYS D 79 3.46 -0.49 6.87
CA LYS D 79 4.75 -0.26 7.51
C LYS D 79 5.96 -0.20 6.57
N GLU D 80 6.04 -1.14 5.64
CA GLU D 80 7.17 -1.17 4.71
C GLU D 80 7.20 0.06 3.81
N LYS D 81 6.02 0.52 3.41
CA LYS D 81 5.92 1.69 2.55
C LYS D 81 6.28 2.94 3.36
N LEU D 82 5.78 3.03 4.59
CA LEU D 82 6.08 4.15 5.46
C LEU D 82 7.59 4.29 5.67
N THR D 83 8.26 3.15 5.85
CA THR D 83 9.70 3.12 6.06
C THR D 83 10.41 3.60 4.80
N LYS D 84 9.96 3.14 3.64
CA LYS D 84 10.57 3.52 2.38
C LYS D 84 10.38 5.03 2.11
N ILE D 85 9.19 5.54 2.39
CA ILE D 85 8.86 6.96 2.19
C ILE D 85 9.73 7.86 3.07
N LYS D 86 9.81 7.53 4.35
CA LYS D 86 10.62 8.31 5.28
C LYS D 86 12.09 8.36 4.85
N LYS D 87 12.62 7.22 4.40
CA LYS D 87 14.02 7.17 3.98
C LYS D 87 14.26 7.96 2.70
N GLY D 88 13.32 7.87 1.77
CA GLY D 88 13.45 8.60 0.52
C GLY D 88 13.45 10.10 0.75
N LEU D 89 12.51 10.59 1.55
CA LEU D 89 12.43 12.02 1.82
C LEU D 89 13.64 12.51 2.61
N GLU D 90 14.06 11.71 3.59
CA GLU D 90 15.21 12.06 4.40
C GLU D 90 16.46 12.06 3.53
N ASN D 91 16.52 11.12 2.61
CA ASN D 91 17.65 11.00 1.71
C ASN D 91 17.84 12.29 0.90
N ASP D 92 16.74 12.94 0.53
CA ASP D 92 16.81 14.18 -0.24
C ASP D 92 16.67 15.45 0.60
N GLY D 93 16.93 15.32 1.90
CA GLY D 93 16.87 16.45 2.81
C GLY D 93 15.50 17.06 3.01
N LEU D 94 14.46 16.32 2.62
CA LEU D 94 13.10 16.81 2.76
C LEU D 94 12.47 16.43 4.10
N LEU D 95 13.17 15.58 4.86
CA LEU D 95 12.68 15.13 6.17
C LEU D 95 13.84 14.87 7.12
N ILE D 96 13.70 15.31 8.36
CA ILE D 96 14.71 15.12 9.37
C ILE D 96 14.09 14.29 10.51
N GLN D 97 14.79 13.25 10.95
CA GLN D 97 14.30 12.40 12.03
C GLN D 97 15.21 12.46 13.25
N LYS D 98 14.58 12.54 14.42
CA LYS D 98 15.31 12.58 15.68
C LYS D 98 14.72 11.54 16.63
N ARG D 99 15.25 10.33 16.58
CA ARG D 99 14.79 9.24 17.42
C ARG D 99 14.90 9.53 18.90
N ARG D 100 13.80 9.31 19.62
CA ARG D 100 13.75 9.54 21.06
C ARG D 100 13.96 8.24 21.82
N GLY D 101 14.44 8.37 23.06
CA GLY D 101 14.68 7.20 23.89
C GLY D 101 13.38 6.51 24.25
N LEU D 102 13.49 5.39 24.96
CA LEU D 102 12.30 4.64 25.36
C LEU D 102 11.50 4.26 24.12
N ASN D 103 10.20 4.04 24.30
CA ASN D 103 9.34 3.66 23.19
C ASN D 103 8.57 4.88 22.66
N LYS D 104 9.14 6.06 22.85
CA LYS D 104 8.50 7.30 22.40
C LYS D 104 8.58 7.47 20.88
N PRO D 105 7.52 8.03 20.27
CA PRO D 105 7.48 8.26 18.82
C PRO D 105 8.58 9.22 18.37
N ASN D 106 9.21 8.93 17.25
CA ASN D 106 10.27 9.80 16.74
C ASN D 106 9.77 11.19 16.37
N ILE D 107 10.66 12.17 16.50
CA ILE D 107 10.32 13.55 16.17
C ILE D 107 10.63 13.76 14.70
N LEU D 108 9.63 14.16 13.92
CA LEU D 108 9.85 14.38 12.50
C LEU D 108 9.75 15.86 12.13
N TYR D 109 10.70 16.32 11.32
CA TYR D 109 10.71 17.69 10.83
C TYR D 109 10.62 17.69 9.30
N LEU D 110 9.50 18.14 8.77
CA LEU D 110 9.33 18.23 7.33
C LEU D 110 10.14 19.45 6.93
N MET D 111 10.88 19.36 5.84
CA MET D 111 11.71 20.47 5.39
C MET D 111 11.26 20.98 4.02
N LYS D 112 11.61 22.22 3.72
CA LYS D 112 11.26 22.81 2.44
C LYS D 112 12.28 22.36 1.40
N PRO D 113 11.88 22.32 0.13
CA PRO D 113 12.75 21.90 -0.97
C PRO D 113 13.79 22.95 -1.33
N ILE D 114 14.75 22.54 -2.13
CA ILE D 114 15.81 23.40 -2.61
C ILE D 114 15.46 23.80 -4.03
N VAL D 115 15.82 25.01 -4.43
CA VAL D 115 15.56 25.50 -5.78
C VAL D 115 16.82 26.09 -6.37
N THR D 116 17.22 25.61 -7.55
CA THR D 116 18.41 26.11 -8.21
C THR D 116 18.00 26.97 -9.41
N GLU D 117 18.98 27.56 -10.07
CA GLU D 117 18.70 28.39 -11.24
C GLU D 117 18.08 27.57 -12.36
N ARG D 118 18.53 26.32 -12.49
CA ARG D 118 18.00 25.44 -13.52
C ARG D 118 16.54 25.11 -13.27
N ASP D 119 16.17 24.99 -12.00
CA ASP D 119 14.78 24.71 -11.64
C ASP D 119 13.92 25.90 -12.02
N ILE D 120 14.40 27.09 -11.65
CA ILE D 120 13.67 28.33 -11.94
C ILE D 120 13.46 28.45 -13.44
N TYR D 121 14.55 28.31 -14.18
CA TYR D 121 14.51 28.36 -15.63
C TYR D 121 13.49 27.37 -16.15
N LYS D 122 13.61 26.12 -15.71
CA LYS D 122 12.68 25.09 -16.18
C LYS D 122 11.24 25.39 -15.82
N ILE D 123 11.00 25.80 -14.58
CA ILE D 123 9.63 26.10 -14.16
C ILE D 123 9.04 27.25 -14.95
N GLU D 124 9.84 28.29 -15.19
CA GLU D 124 9.37 29.43 -15.96
C GLU D 124 9.00 29.02 -17.38
N LYS D 125 9.89 28.28 -18.02
CA LYS D 125 9.65 27.84 -19.39
C LYS D 125 8.33 27.09 -19.51
N GLU D 126 8.04 26.22 -18.54
CA GLU D 126 6.80 25.47 -18.62
C GLU D 126 5.57 26.31 -18.32
N GLU D 127 5.68 27.22 -17.35
CA GLU D 127 4.54 28.05 -17.00
C GLU D 127 4.21 29.07 -18.09
N ASN D 128 5.17 29.30 -18.97
CA ASN D 128 4.97 30.26 -20.06
C ASN D 128 4.97 29.58 -21.42
N ASP D 129 4.70 28.29 -21.44
CA ASP D 129 4.67 27.54 -22.68
C ASP D 129 3.39 27.81 -23.46
N VAL D 130 3.21 29.07 -23.85
CA VAL D 130 2.03 29.48 -24.61
C VAL D 130 2.12 28.96 -26.04
N GLU D 131 0.97 28.83 -26.69
CA GLU D 131 0.91 28.35 -28.06
C GLU D 131 1.43 29.45 -28.99
N PRO D 132 2.26 29.06 -29.98
CA PRO D 132 2.83 30.02 -30.94
C PRO D 132 1.75 30.75 -31.76
N TYR D 133 1.80 32.08 -31.75
CA TYR D 133 0.83 32.87 -32.49
C TYR D 133 0.83 32.56 -33.98
#